data_2LDL
#
_entry.id   2LDL
#
_entity_poly.entity_id   1
_entity_poly.type   'polyribonucleotide'
_entity_poly.pdbx_seq_one_letter_code
;GGAUCCAUUCGAUUAGUGAACGGAUCC
;
_entity_poly.pdbx_strand_id   A
#
loop_
_chem_comp.id
_chem_comp.type
_chem_comp.name
_chem_comp.formula
A RNA linking ADENOSINE-5'-MONOPHOSPHATE 'C10 H14 N5 O7 P'
C RNA linking CYTIDINE-5'-MONOPHOSPHATE 'C9 H14 N3 O8 P'
G RNA linking GUANOSINE-5'-MONOPHOSPHATE 'C10 H14 N5 O8 P'
U RNA linking URIDINE-5'-MONOPHOSPHATE 'C9 H13 N2 O9 P'
#